data_7HHM
#
_entry.id   7HHM
#
_cell.length_a   41.387
_cell.length_b   42.061
_cell.length_c   158.488
_cell.angle_alpha   90.00
_cell.angle_beta   90.00
_cell.angle_gamma   90.00
#
_symmetry.space_group_name_H-M   'P 21 21 21'
#
loop_
_entity.id
_entity.type
_entity.pdbx_description
1 polymer 'Hepatoma-derived growth factor-related protein 2'
2 non-polymer 'SULFATE ION'
3 non-polymer 1,2-ETHANEDIOL
4 non-polymer N-methyl-1-([1,2,4]triazolo[4,3-a]pyridin-3-yl)methanamine
5 water water
#
_entity_poly.entity_id   1
_entity_poly.type   'polypeptide(L)'
_entity_poly.pdbx_seq_one_letter_code
;GMPHAFKPGDLVFAKMKGYPHWPARIDDIADGAVKPPPNKYPIFFFGTHETAFLGPKDLFPYDKSKDKYGKPNKRKGFNE
GLWEIQNNPHASYS
;
_entity_poly.pdbx_strand_id   A,B,C
#
# COMPACT_ATOMS: atom_id res chain seq x y z
N MET A 2 -0.13 20.31 -19.76
CA MET A 2 1.28 20.33 -19.26
C MET A 2 1.37 19.62 -17.91
N PRO A 3 2.54 18.99 -17.62
CA PRO A 3 2.80 18.39 -16.30
C PRO A 3 2.73 19.30 -15.07
N HIS A 4 2.26 18.73 -13.97
CA HIS A 4 2.33 19.39 -12.68
C HIS A 4 3.51 18.76 -11.95
N ALA A 5 3.76 19.22 -10.71
CA ALA A 5 4.68 18.56 -9.79
C ALA A 5 4.10 17.20 -9.38
N PHE A 6 4.97 16.33 -8.89
CA PHE A 6 4.51 15.04 -8.39
C PHE A 6 3.61 15.24 -7.17
N LYS A 7 2.58 14.39 -7.05
CA LYS A 7 1.75 14.48 -5.86
C LYS A 7 1.41 13.07 -5.38
N PRO A 8 1.08 12.89 -4.08
CA PRO A 8 0.68 11.59 -3.57
C PRO A 8 -0.41 10.96 -4.43
N GLY A 9 -0.24 9.66 -4.75
CA GLY A 9 -1.15 8.96 -5.63
C GLY A 9 -0.63 8.81 -7.07
N ASP A 10 0.30 9.67 -7.51
CA ASP A 10 0.86 9.50 -8.84
C ASP A 10 1.55 8.14 -8.98
N LEU A 11 1.39 7.50 -10.14
CA LEU A 11 1.98 6.19 -10.39
C LEU A 11 3.20 6.40 -11.27
N VAL A 12 4.27 5.65 -10.97
CA VAL A 12 5.56 5.84 -11.63
C VAL A 12 6.26 4.49 -11.81
N PHE A 13 7.32 4.49 -12.63
CA PHE A 13 8.41 3.55 -12.48
C PHE A 13 9.52 4.32 -11.78
N ALA A 14 10.03 3.76 -10.67
CA ALA A 14 11.05 4.42 -9.87
C ALA A 14 12.37 3.65 -10.04
N LYS A 15 13.45 4.41 -10.28
CA LYS A 15 14.75 3.85 -10.59
C LYS A 15 15.66 3.99 -9.37
N MET A 16 16.19 2.86 -8.90
CA MET A 16 17.26 2.87 -7.94
C MET A 16 18.47 2.10 -8.48
N LYS A 17 19.66 2.51 -8.05
CA LYS A 17 20.92 1.90 -8.43
C LYS A 17 20.81 0.39 -8.28
N GLY A 18 21.13 -0.34 -9.36
CA GLY A 18 21.22 -1.79 -9.28
C GLY A 18 19.86 -2.45 -9.38
N TYR A 19 18.79 -1.68 -9.64
CA TYR A 19 17.51 -2.33 -9.86
C TYR A 19 16.94 -1.85 -11.18
N PRO A 20 16.08 -2.64 -11.86
CA PRO A 20 15.38 -2.15 -13.05
C PRO A 20 14.34 -1.13 -12.55
N HIS A 21 13.91 -0.23 -13.44
CA HIS A 21 12.81 0.69 -13.25
C HIS A 21 11.61 -0.10 -12.70
N TRP A 22 11.10 0.35 -11.54
CA TRP A 22 10.25 -0.51 -10.71
C TRP A 22 8.89 0.15 -10.50
N PRO A 23 7.78 -0.60 -10.68
CA PRO A 23 6.43 -0.04 -10.54
C PRO A 23 6.29 0.44 -9.10
N ALA A 24 5.83 1.70 -8.98
CA ALA A 24 5.77 2.38 -7.70
C ALA A 24 4.72 3.49 -7.67
N ARG A 25 4.49 4.03 -6.47
CA ARG A 25 3.59 5.17 -6.37
C ARG A 25 4.22 6.22 -5.46
N ILE A 26 3.77 7.47 -5.61
CA ILE A 26 4.11 8.48 -4.61
C ILE A 26 3.16 8.29 -3.44
N ASP A 27 3.70 8.06 -2.23
CA ASP A 27 2.85 7.88 -1.07
C ASP A 27 2.49 9.20 -0.40
N ASP A 28 1.41 9.15 0.38
CA ASP A 28 1.13 10.14 1.40
C ASP A 28 2.08 9.89 2.57
N ILE A 29 2.22 10.88 3.44
CA ILE A 29 2.93 10.69 4.70
C ILE A 29 1.84 10.69 5.77
N ALA A 30 1.72 9.62 6.55
CA ALA A 30 0.70 9.53 7.59
C ALA A 30 0.97 10.60 8.65
N ASP A 31 -0.10 11.10 9.27
CA ASP A 31 0.05 11.95 10.44
C ASP A 31 0.93 11.20 11.43
N GLY A 32 1.98 11.87 11.92
CA GLY A 32 2.84 11.32 12.95
C GLY A 32 3.99 10.48 12.41
N ALA A 33 4.04 10.30 11.08
CA ALA A 33 5.06 9.47 10.45
C ALA A 33 6.25 10.34 10.00
N VAL A 34 7.40 9.66 9.81
CA VAL A 34 8.65 10.27 9.39
C VAL A 34 8.50 10.87 7.99
N LYS A 35 8.83 12.15 7.87
CA LYS A 35 8.80 12.91 6.64
C LYS A 35 10.05 12.59 5.85
N PRO A 36 10.01 12.70 4.49
CA PRO A 36 11.20 12.56 3.65
C PRO A 36 12.11 13.75 3.85
N PRO A 37 13.41 13.68 3.45
CA PRO A 37 14.25 14.87 3.34
C PRO A 37 13.65 15.86 2.36
N PRO A 38 14.14 17.13 2.35
CA PRO A 38 13.78 18.11 1.32
C PRO A 38 14.02 17.64 -0.12
N ASN A 39 13.09 17.99 -1.00
CA ASN A 39 13.12 17.64 -2.41
C ASN A 39 13.00 16.13 -2.65
N LYS A 40 12.69 15.33 -1.63
CA LYS A 40 12.52 13.89 -1.83
C LYS A 40 11.05 13.52 -1.62
N TYR A 41 10.62 12.44 -2.29
CA TYR A 41 9.26 11.93 -2.15
C TYR A 41 9.30 10.55 -1.53
N PRO A 42 8.27 10.17 -0.74
CA PRO A 42 8.17 8.80 -0.22
C PRO A 42 7.66 7.93 -1.35
N ILE A 43 8.47 6.95 -1.75
CA ILE A 43 8.09 6.10 -2.88
C ILE A 43 7.73 4.73 -2.32
N PHE A 44 6.50 4.27 -2.63
CA PHE A 44 6.13 2.92 -2.29
C PHE A 44 6.30 2.01 -3.52
N PHE A 45 7.13 0.97 -3.38
CA PHE A 45 7.42 0.08 -4.50
C PHE A 45 6.40 -1.06 -4.42
N PHE A 46 5.65 -1.26 -5.52
CA PHE A 46 4.72 -2.37 -5.61
C PHE A 46 5.51 -3.69 -5.59
N GLY A 47 4.86 -4.74 -5.09
CA GLY A 47 5.41 -6.08 -5.06
C GLY A 47 6.27 -6.29 -3.83
N THR A 48 7.34 -5.50 -3.66
CA THR A 48 8.21 -5.63 -2.50
C THR A 48 7.56 -4.97 -1.29
N HIS A 49 6.78 -3.93 -1.58
CA HIS A 49 6.09 -3.12 -0.58
C HIS A 49 7.08 -2.35 0.30
N GLU A 50 8.28 -2.06 -0.22
CA GLU A 50 9.24 -1.24 0.50
C GLU A 50 9.09 0.23 0.13
N THR A 51 9.49 1.13 1.04
CA THR A 51 9.53 2.56 0.81
C THR A 51 10.98 3.03 0.69
N ALA A 52 11.24 3.94 -0.25
CA ALA A 52 12.48 4.72 -0.27
C ALA A 52 12.16 6.17 -0.58
N PHE A 53 13.15 7.03 -0.37
CA PHE A 53 12.99 8.45 -0.62
C PHE A 53 13.75 8.77 -1.90
N LEU A 54 13.05 9.32 -2.89
CA LEU A 54 13.67 9.61 -4.17
C LEU A 54 13.28 10.99 -4.67
N GLY A 55 14.17 11.59 -5.47
CA GLY A 55 13.86 12.84 -6.16
C GLY A 55 13.34 12.57 -7.58
N PRO A 56 12.75 13.59 -8.23
CA PRO A 56 12.20 13.45 -9.58
C PRO A 56 13.06 12.82 -10.67
N LYS A 57 14.40 12.98 -10.59
CA LYS A 57 15.28 12.38 -11.58
C LYS A 57 15.07 10.87 -11.73
N ASP A 58 14.59 10.23 -10.64
CA ASP A 58 14.44 8.80 -10.57
C ASP A 58 12.99 8.33 -10.77
N LEU A 59 12.09 9.26 -11.12
CA LEU A 59 10.65 8.98 -11.17
C LEU A 59 10.14 9.15 -12.62
N PHE A 60 9.69 8.05 -13.23
CA PHE A 60 9.18 8.06 -14.61
C PHE A 60 7.68 7.87 -14.58
N PRO A 61 6.87 8.86 -15.00
CA PRO A 61 5.42 8.63 -15.05
C PRO A 61 4.95 7.34 -15.75
N TYR A 62 4.03 6.63 -15.07
CA TYR A 62 3.62 5.28 -15.44
C TYR A 62 3.06 5.22 -16.87
N ASP A 63 2.07 6.06 -17.18
CA ASP A 63 1.43 6.04 -18.50
C ASP A 63 2.46 6.13 -19.62
N LYS A 64 3.28 7.20 -19.58
CA LYS A 64 4.34 7.43 -20.56
C LYS A 64 5.31 6.23 -20.66
N SER A 65 5.60 5.54 -19.54
CA SER A 65 6.79 4.69 -19.47
C SER A 65 6.44 3.21 -19.53
N LYS A 66 5.14 2.86 -19.44
CA LYS A 66 4.75 1.46 -19.23
C LYS A 66 5.16 0.53 -20.38
N ASP A 67 5.10 1.03 -21.62
N ASP A 67 5.08 1.01 -21.62
CA ASP A 67 5.44 0.22 -22.79
CA ASP A 67 5.46 0.19 -22.77
C ASP A 67 6.92 -0.19 -22.75
C ASP A 67 6.91 -0.28 -22.60
N LYS A 68 7.77 0.63 -22.14
CA LYS A 68 9.19 0.32 -22.04
C LYS A 68 9.51 -0.55 -20.81
N TYR A 69 8.90 -0.22 -19.68
CA TYR A 69 9.42 -0.74 -18.42
C TYR A 69 8.46 -1.79 -17.85
N GLY A 70 7.26 -1.89 -18.41
CA GLY A 70 6.21 -2.67 -17.78
C GLY A 70 6.22 -4.10 -18.31
N LYS A 71 7.36 -4.79 -18.19
CA LYS A 71 7.50 -6.15 -18.72
C LYS A 71 8.03 -7.04 -17.61
N PRO A 72 7.73 -8.37 -17.62
CA PRO A 72 8.15 -9.27 -16.55
C PRO A 72 9.65 -9.20 -16.29
N ASN A 73 10.02 -9.44 -15.04
CA ASN A 73 11.40 -9.37 -14.60
C ASN A 73 11.60 -10.45 -13.56
N LYS A 74 12.83 -10.94 -13.44
CA LYS A 74 13.15 -12.08 -12.60
C LYS A 74 13.18 -11.66 -11.15
N ARG A 75 13.42 -10.36 -10.91
CA ARG A 75 13.66 -9.85 -9.57
C ARG A 75 12.45 -10.11 -8.67
N LYS A 76 12.76 -10.38 -7.40
CA LYS A 76 11.76 -10.78 -6.41
C LYS A 76 10.77 -9.62 -6.24
N GLY A 77 9.48 -9.92 -6.34
CA GLY A 77 8.46 -8.91 -6.08
C GLY A 77 8.03 -8.17 -7.34
N PHE A 78 8.82 -8.24 -8.42
CA PHE A 78 8.58 -7.40 -9.57
C PHE A 78 7.25 -7.69 -10.26
N ASN A 79 6.97 -8.96 -10.54
CA ASN A 79 5.79 -9.27 -11.34
C ASN A 79 4.52 -9.08 -10.49
N GLU A 80 4.64 -9.35 -9.19
CA GLU A 80 3.60 -8.96 -8.27
C GLU A 80 3.39 -7.45 -8.36
N GLY A 81 4.49 -6.70 -8.41
CA GLY A 81 4.40 -5.25 -8.52
C GLY A 81 3.64 -4.80 -9.78
N LEU A 82 3.89 -5.48 -10.90
CA LEU A 82 3.21 -5.11 -12.14
C LEU A 82 1.71 -5.30 -11.99
N TRP A 83 1.30 -6.41 -11.35
CA TRP A 83 -0.12 -6.68 -11.18
C TRP A 83 -0.74 -5.56 -10.35
N GLU A 84 -0.04 -5.14 -9.29
CA GLU A 84 -0.60 -4.18 -8.35
C GLU A 84 -0.81 -2.83 -9.01
N ILE A 85 0.20 -2.36 -9.77
CA ILE A 85 0.12 -1.03 -10.34
C ILE A 85 -0.98 -0.98 -11.40
N GLN A 86 -1.23 -2.12 -12.10
CA GLN A 86 -2.23 -2.13 -13.15
C GLN A 86 -3.61 -2.35 -12.54
N ASN A 87 -3.70 -3.17 -11.46
CA ASN A 87 -5.00 -3.66 -10.99
C ASN A 87 -5.53 -2.97 -9.73
N ASN A 88 -4.65 -2.54 -8.79
CA ASN A 88 -5.14 -1.88 -7.57
C ASN A 88 -4.05 -0.98 -7.00
N PRO A 89 -3.65 0.03 -7.78
CA PRO A 89 -2.50 0.86 -7.45
C PRO A 89 -2.72 1.74 -6.21
N HIS A 90 -3.97 1.93 -5.78
CA HIS A 90 -4.26 2.87 -4.69
C HIS A 90 -4.74 2.14 -3.42
N ALA A 91 -4.63 0.81 -3.43
CA ALA A 91 -5.05 -0.02 -2.30
C ALA A 91 -4.10 0.15 -1.11
N SER A 92 -4.58 -0.24 0.08
CA SER A 92 -3.68 -0.37 1.23
C SER A 92 -2.89 -1.67 1.12
N TYR A 93 -1.57 -1.60 1.18
CA TYR A 93 -0.75 -2.80 1.12
C TYR A 93 0.00 -3.00 2.43
N SER A 94 -0.46 -2.32 3.50
CA SER A 94 0.01 -2.57 4.85
C SER A 94 -0.12 -4.07 5.14
N MET B 2 -17.66 15.52 38.04
CA MET B 2 -16.71 15.42 39.18
C MET B 2 -15.31 15.79 38.70
N PRO B 3 -14.60 16.73 39.39
CA PRO B 3 -13.24 17.11 38.98
C PRO B 3 -12.38 15.85 38.98
N HIS B 4 -11.40 15.81 38.06
CA HIS B 4 -10.52 14.66 37.95
C HIS B 4 -9.05 15.09 38.05
N ALA B 5 -8.15 14.10 38.16
CA ALA B 5 -6.73 14.40 38.23
C ALA B 5 -6.40 15.33 37.08
N PHE B 6 -6.82 14.91 35.87
CA PHE B 6 -6.72 15.70 34.65
C PHE B 6 -8.08 16.32 34.33
N LYS B 7 -8.08 17.58 33.90
CA LYS B 7 -9.30 18.31 33.58
C LYS B 7 -9.22 18.92 32.18
N PRO B 8 -10.37 19.13 31.50
CA PRO B 8 -10.38 19.67 30.13
C PRO B 8 -9.57 20.96 30.10
N GLY B 9 -8.70 21.08 29.08
CA GLY B 9 -7.85 22.25 28.94
C GLY B 9 -6.44 22.01 29.49
N ASP B 10 -6.25 20.91 30.23
CA ASP B 10 -4.92 20.57 30.72
C ASP B 10 -4.02 20.20 29.55
N LEU B 11 -2.79 20.72 29.57
CA LEU B 11 -1.85 20.52 28.49
C LEU B 11 -0.88 19.40 28.86
N VAL B 12 -0.62 18.49 27.92
CA VAL B 12 0.23 17.34 28.22
C VAL B 12 1.11 17.04 27.02
N PHE B 13 2.09 16.15 27.21
CA PHE B 13 2.52 15.30 26.13
C PHE B 13 1.86 13.95 26.33
N ALA B 14 1.35 13.36 25.23
CA ALA B 14 0.63 12.10 25.27
C ALA B 14 1.36 11.05 24.44
N LYS B 15 1.46 9.83 24.97
CA LYS B 15 2.34 8.81 24.41
C LYS B 15 1.51 7.70 23.78
N MET B 16 1.74 7.43 22.50
CA MET B 16 1.16 6.24 21.87
C MET B 16 2.32 5.38 21.36
N LYS B 17 2.11 4.05 21.31
CA LYS B 17 3.09 3.15 20.72
C LYS B 17 3.37 3.57 19.27
N GLY B 18 4.66 3.67 18.92
CA GLY B 18 5.07 4.00 17.57
C GLY B 18 5.36 5.48 17.35
N TYR B 19 5.19 6.31 18.40
CA TYR B 19 5.28 7.75 18.22
C TYR B 19 5.98 8.37 19.42
N PRO B 20 6.69 9.50 19.25
CA PRO B 20 7.24 10.21 20.40
C PRO B 20 6.11 10.82 21.25
N HIS B 21 6.40 11.02 22.54
CA HIS B 21 5.55 11.85 23.41
C HIS B 21 5.10 13.10 22.67
N TRP B 22 3.78 13.28 22.53
CA TRP B 22 3.26 14.20 21.54
C TRP B 22 2.52 15.35 22.21
N PRO B 23 2.75 16.63 21.85
CA PRO B 23 2.03 17.76 22.46
C PRO B 23 0.52 17.59 22.27
N ALA B 24 -0.23 17.66 23.37
CA ALA B 24 -1.65 17.33 23.34
C ALA B 24 -2.40 18.09 24.44
N ARG B 25 -3.72 17.94 24.42
CA ARG B 25 -4.56 18.54 25.44
C ARG B 25 -5.65 17.55 25.81
N ILE B 26 -6.16 17.70 27.04
CA ILE B 26 -7.38 17.02 27.49
C ILE B 26 -8.56 17.84 26.95
N ASP B 27 -9.44 17.16 26.22
CA ASP B 27 -10.69 17.73 25.73
C ASP B 27 -11.87 17.35 26.62
N ASP B 28 -12.95 18.15 26.57
N ASP B 28 -12.94 18.15 26.57
CA ASP B 28 -14.22 17.86 27.21
CA ASP B 28 -14.23 17.85 27.18
C ASP B 28 -14.99 16.81 26.39
C ASP B 28 -14.92 16.71 26.42
N ILE B 29 -15.95 16.14 27.04
CA ILE B 29 -16.77 15.11 26.41
C ILE B 29 -18.17 15.70 26.15
N VAL B 34 -19.45 9.43 21.49
CA VAL B 34 -18.88 8.38 22.38
C VAL B 34 -18.71 8.98 23.77
N LYS B 35 -18.24 8.17 24.73
CA LYS B 35 -17.61 8.65 25.95
C LYS B 35 -16.31 7.85 26.16
N PRO B 36 -15.29 8.42 26.86
CA PRO B 36 -14.04 7.68 27.08
C PRO B 36 -14.33 6.40 27.84
N PRO B 37 -13.63 5.28 27.56
CA PRO B 37 -13.75 4.08 28.39
C PRO B 37 -13.33 4.49 29.80
N PRO B 38 -13.64 3.68 30.85
CA PRO B 38 -13.25 4.05 32.22
C PRO B 38 -11.74 4.20 32.37
N ASN B 39 -11.33 5.20 33.17
CA ASN B 39 -9.94 5.51 33.47
C ASN B 39 -9.28 6.37 32.41
N LYS B 40 -9.90 6.54 31.23
CA LYS B 40 -9.23 7.18 30.10
C LYS B 40 -9.79 8.57 29.85
N TYR B 41 -9.01 9.39 29.13
CA TYR B 41 -9.45 10.75 28.82
C TYR B 41 -9.52 10.95 27.31
N PRO B 42 -10.37 11.89 26.83
CA PRO B 42 -10.31 12.34 25.44
C PRO B 42 -9.08 13.22 25.25
N ILE B 43 -8.16 12.75 24.38
CA ILE B 43 -6.96 13.50 24.04
C ILE B 43 -7.08 14.12 22.66
N PHE B 44 -6.60 15.35 22.53
CA PHE B 44 -6.47 16.04 21.25
C PHE B 44 -5.00 16.27 20.96
N PHE B 45 -4.50 15.68 19.85
CA PHE B 45 -3.11 15.90 19.48
C PHE B 45 -2.95 17.19 18.68
N PHE B 46 -2.10 18.10 19.15
CA PHE B 46 -1.79 19.28 18.36
C PHE B 46 -1.02 18.91 17.08
N GLY B 47 -1.10 19.79 16.07
CA GLY B 47 -0.43 19.61 14.80
C GLY B 47 -1.24 18.70 13.87
N THR B 48 -1.43 17.45 14.26
CA THR B 48 -2.19 16.53 13.44
C THR B 48 -3.68 16.73 13.69
N HIS B 49 -4.03 17.21 14.88
CA HIS B 49 -5.42 17.45 15.26
C HIS B 49 -6.20 16.15 15.26
N GLU B 50 -5.53 15.02 15.50
CA GLU B 50 -6.23 13.74 15.68
C GLU B 50 -6.59 13.57 17.15
N THR B 51 -7.41 12.55 17.47
CA THR B 51 -7.88 12.31 18.83
C THR B 51 -7.62 10.85 19.19
N ALA B 52 -7.62 10.55 20.49
CA ALA B 52 -7.57 9.18 20.97
C ALA B 52 -8.06 9.18 22.41
N PHE B 53 -8.26 7.97 22.96
CA PHE B 53 -8.51 7.80 24.37
C PHE B 53 -7.27 7.23 25.06
N LEU B 54 -6.78 7.95 26.07
CA LEU B 54 -5.57 7.52 26.76
C LEU B 54 -5.79 7.60 28.27
N GLY B 55 -5.05 6.75 28.99
CA GLY B 55 -5.03 6.72 30.43
C GLY B 55 -3.84 7.49 30.98
N PRO B 56 -3.84 7.79 32.30
CA PRO B 56 -2.78 8.58 32.93
C PRO B 56 -1.34 8.13 32.69
N LYS B 57 -1.10 6.82 32.53
CA LYS B 57 0.25 6.32 32.43
C LYS B 57 0.91 6.90 31.18
N ASP B 58 0.07 7.32 30.24
CA ASP B 58 0.56 7.83 28.97
C ASP B 58 0.40 9.34 28.87
N LEU B 59 0.11 10.01 30.00
CA LEU B 59 -0.13 11.46 29.97
C LEU B 59 0.86 12.16 30.89
N PHE B 60 1.62 13.08 30.32
CA PHE B 60 2.71 13.74 31.01
C PHE B 60 2.42 15.24 31.05
N PRO B 61 2.08 15.80 32.23
CA PRO B 61 1.87 17.25 32.38
C PRO B 61 2.91 18.11 31.65
N TYR B 62 2.41 19.06 30.84
CA TYR B 62 3.22 19.74 29.86
C TYR B 62 4.33 20.55 30.51
N ASP B 63 3.97 21.29 31.56
CA ASP B 63 4.92 22.16 32.25
C ASP B 63 6.08 21.36 32.83
N LYS B 64 5.75 20.28 33.56
CA LYS B 64 6.77 19.41 34.09
C LYS B 64 7.71 18.87 33.00
N SER B 65 7.20 18.60 31.79
CA SER B 65 7.92 17.69 30.91
C SER B 65 8.38 18.33 29.60
N LYS B 66 8.18 19.64 29.43
CA LYS B 66 8.39 20.29 28.14
C LYS B 66 9.86 20.29 27.72
N ASP B 67 10.81 20.37 28.66
CA ASP B 67 12.18 20.44 28.18
C ASP B 67 12.67 19.03 27.81
N LYS B 68 12.01 18.02 28.37
CA LYS B 68 12.34 16.64 28.05
C LYS B 68 11.75 16.28 26.68
N TYR B 69 10.47 16.61 26.45
CA TYR B 69 9.76 16.02 25.31
C TYR B 69 9.51 17.03 24.20
N GLY B 70 9.78 18.32 24.48
CA GLY B 70 9.30 19.38 23.62
C GLY B 70 10.35 19.78 22.59
N LYS B 71 11.11 18.80 22.09
CA LYS B 71 12.14 19.08 21.11
C LYS B 71 11.60 18.70 19.74
N PRO B 72 11.84 19.52 18.71
CA PRO B 72 11.36 19.23 17.36
C PRO B 72 11.97 17.95 16.79
N ASN B 73 11.24 17.31 15.87
CA ASN B 73 11.72 16.11 15.18
C ASN B 73 11.16 16.10 13.75
N LYS B 74 11.26 14.95 13.08
CA LYS B 74 10.89 14.81 11.68
C LYS B 74 9.50 14.17 11.51
N ARG B 75 8.71 14.05 12.59
CA ARG B 75 7.41 13.42 12.49
C ARG B 75 6.40 14.45 11.97
N LYS B 76 5.63 14.07 10.93
CA LYS B 76 4.69 14.99 10.31
C LYS B 76 3.69 15.50 11.34
N GLY B 77 3.65 16.83 11.51
CA GLY B 77 2.66 17.49 12.35
C GLY B 77 3.23 17.84 13.72
N PHE B 78 4.43 17.35 14.03
CA PHE B 78 4.99 17.50 15.37
C PHE B 78 5.43 18.93 15.61
N ASN B 79 6.15 19.52 14.66
CA ASN B 79 6.62 20.88 14.92
C ASN B 79 5.42 21.84 14.93
N GLU B 80 4.40 21.54 14.13
CA GLU B 80 3.20 22.34 14.13
C GLU B 80 2.53 22.25 15.50
N GLY B 81 2.57 21.05 16.11
CA GLY B 81 2.00 20.78 17.42
C GLY B 81 2.70 21.58 18.51
N LEU B 82 4.03 21.67 18.41
CA LEU B 82 4.83 22.44 19.34
C LEU B 82 4.42 23.90 19.27
N TRP B 83 4.14 24.38 18.05
CA TRP B 83 3.67 25.74 17.86
C TRP B 83 2.30 25.95 18.52
N GLU B 84 1.38 25.00 18.31
CA GLU B 84 0.00 25.12 18.78
C GLU B 84 -0.06 25.09 20.32
N ILE B 85 0.66 24.16 20.94
CA ILE B 85 0.58 24.01 22.38
C ILE B 85 1.15 25.27 23.02
N GLN B 86 2.13 25.90 22.36
CA GLN B 86 2.81 27.08 22.87
C GLN B 86 2.03 28.37 22.62
N ASN B 87 1.36 28.51 21.47
CA ASN B 87 0.87 29.85 21.10
C ASN B 87 -0.65 29.96 21.16
N ASN B 88 -1.37 28.83 21.09
CA ASN B 88 -2.81 28.87 21.09
C ASN B 88 -3.37 27.51 21.49
N PRO B 89 -3.03 26.99 22.70
CA PRO B 89 -3.45 25.65 23.11
C PRO B 89 -4.95 25.43 23.20
N HIS B 90 -5.71 26.51 23.41
CA HIS B 90 -7.13 26.33 23.69
C HIS B 90 -8.02 26.74 22.51
N ALA B 91 -7.43 26.94 21.33
CA ALA B 91 -8.20 27.31 20.15
C ALA B 91 -9.08 26.14 19.70
N SER B 92 -10.06 26.46 18.85
CA SER B 92 -10.79 25.49 18.05
C SER B 92 -9.97 25.16 16.81
N TYR B 93 -9.72 23.86 16.59
CA TYR B 93 -8.94 23.35 15.47
C TYR B 93 -9.88 22.55 14.58
N SER B 94 -11.17 22.89 14.69
CA SER B 94 -12.28 22.24 14.02
C SER B 94 -12.23 22.47 12.50
N ALA C 5 -19.18 -23.51 -23.21
CA ALA C 5 -18.00 -24.32 -23.62
C ALA C 5 -16.86 -23.44 -24.13
N PHE C 6 -15.83 -24.07 -24.71
CA PHE C 6 -14.52 -23.45 -24.83
C PHE C 6 -13.88 -23.86 -26.15
N LYS C 7 -13.28 -22.90 -26.87
CA LYS C 7 -12.55 -23.18 -28.11
C LYS C 7 -11.09 -22.76 -27.92
N PRO C 8 -10.14 -23.14 -28.81
CA PRO C 8 -8.74 -22.74 -28.66
C PRO C 8 -8.56 -21.23 -28.59
N GLY C 9 -7.82 -20.75 -27.58
CA GLY C 9 -7.52 -19.34 -27.44
C GLY C 9 -8.37 -18.65 -26.37
N ASP C 10 -9.47 -19.28 -25.96
CA ASP C 10 -10.29 -18.85 -24.84
C ASP C 10 -9.43 -18.76 -23.57
N LEU C 11 -9.58 -17.66 -22.83
CA LEU C 11 -8.78 -17.40 -21.66
C LEU C 11 -9.54 -17.86 -20.40
N VAL C 12 -8.86 -18.60 -19.53
CA VAL C 12 -9.50 -19.22 -18.38
C VAL C 12 -8.56 -19.12 -17.17
N PHE C 13 -9.12 -19.42 -16.00
CA PHE C 13 -8.40 -19.97 -14.86
C PHE C 13 -8.64 -21.49 -14.80
N ALA C 14 -7.55 -22.24 -14.63
CA ALA C 14 -7.55 -23.68 -14.70
C ALA C 14 -7.05 -24.25 -13.37
N LYS C 15 -7.85 -25.16 -12.79
CA LYS C 15 -7.60 -25.70 -11.47
C LYS C 15 -7.13 -27.14 -11.63
N MET C 16 -5.91 -27.42 -11.14
CA MET C 16 -5.41 -28.77 -11.00
C MET C 16 -5.24 -29.04 -9.51
N LYS C 17 -5.28 -30.32 -9.14
CA LYS C 17 -5.05 -30.69 -7.75
C LYS C 17 -3.60 -30.33 -7.42
N GLY C 18 -3.43 -29.57 -6.34
CA GLY C 18 -2.10 -29.27 -5.85
C GLY C 18 -1.68 -27.84 -6.22
N TYR C 19 -2.59 -27.06 -6.81
CA TYR C 19 -2.24 -25.77 -7.41
C TYR C 19 -3.42 -24.82 -7.31
N PRO C 20 -3.17 -23.53 -7.09
CA PRO C 20 -4.24 -22.53 -7.08
C PRO C 20 -4.83 -22.39 -8.49
N HIS C 21 -6.04 -21.83 -8.57
CA HIS C 21 -6.65 -21.59 -9.87
C HIS C 21 -5.67 -20.75 -10.70
N TRP C 22 -5.34 -21.24 -11.90
CA TRP C 22 -4.15 -20.75 -12.61
C TRP C 22 -4.56 -20.11 -13.93
N PRO C 23 -4.02 -18.91 -14.24
CA PRO C 23 -4.29 -18.27 -15.52
C PRO C 23 -3.76 -19.14 -16.68
N ALA C 24 -4.61 -19.37 -17.66
CA ALA C 24 -4.31 -20.29 -18.74
C ALA C 24 -5.18 -19.96 -19.96
N ARG C 25 -4.98 -20.70 -21.07
CA ARG C 25 -5.91 -20.66 -22.19
C ARG C 25 -6.10 -22.08 -22.74
N ILE C 26 -7.17 -22.24 -23.54
CA ILE C 26 -7.44 -23.45 -24.30
C ILE C 26 -6.48 -23.51 -25.51
N ASP C 27 -5.88 -24.68 -25.72
CA ASP C 27 -5.03 -24.93 -26.87
C ASP C 27 -5.81 -25.60 -28.01
N ASP C 28 -5.17 -25.65 -29.18
CA ASP C 28 -5.61 -26.42 -30.34
C ASP C 28 -5.11 -27.85 -30.17
N ILE C 29 -5.64 -28.78 -30.97
CA ILE C 29 -5.06 -30.12 -31.09
C ILE C 29 -4.46 -30.26 -32.51
N LYS C 35 -4.38 -37.79 -28.89
CA LYS C 35 -5.70 -37.12 -28.75
C LYS C 35 -6.04 -36.99 -27.26
N PRO C 36 -6.86 -36.00 -26.84
CA PRO C 36 -7.19 -35.82 -25.43
C PRO C 36 -7.91 -37.03 -24.84
N PRO C 37 -7.79 -37.30 -23.53
CA PRO C 37 -8.72 -38.20 -22.85
C PRO C 37 -10.14 -37.71 -23.10
N PRO C 38 -11.16 -38.63 -23.06
CA PRO C 38 -12.56 -38.25 -23.25
C PRO C 38 -12.93 -37.03 -22.42
N ASN C 39 -13.41 -35.99 -23.13
CA ASN C 39 -14.03 -34.83 -22.52
C ASN C 39 -13.00 -33.95 -21.81
N LYS C 40 -11.72 -34.02 -22.23
CA LYS C 40 -10.70 -33.15 -21.67
C LYS C 40 -10.23 -32.14 -22.73
N TYR C 41 -9.95 -30.92 -22.30
CA TYR C 41 -9.40 -29.88 -23.16
C TYR C 41 -7.90 -29.78 -22.94
N PRO C 42 -7.13 -29.41 -23.99
CA PRO C 42 -5.70 -29.13 -23.84
C PRO C 42 -5.58 -27.71 -23.28
N ILE C 43 -4.84 -27.59 -22.17
CA ILE C 43 -4.63 -26.32 -21.48
C ILE C 43 -3.17 -25.94 -21.60
N PHE C 44 -2.92 -24.65 -21.88
CA PHE C 44 -1.61 -24.07 -21.71
C PHE C 44 -1.66 -23.13 -20.52
N PHE C 45 -0.70 -23.24 -19.60
CA PHE C 45 -0.66 -22.44 -18.39
C PHE C 45 0.25 -21.24 -18.60
N PHE C 46 -0.27 -20.03 -18.33
CA PHE C 46 0.58 -18.85 -18.43
C PHE C 46 1.62 -18.89 -17.32
N GLY C 47 2.77 -18.23 -17.57
CA GLY C 47 3.78 -18.12 -16.52
C GLY C 47 4.71 -19.34 -16.53
N THR C 48 4.15 -20.54 -16.29
CA THR C 48 5.00 -21.72 -16.36
C THR C 48 5.15 -22.17 -17.82
N HIS C 49 4.16 -21.87 -18.66
CA HIS C 49 4.13 -22.28 -20.07
C HIS C 49 4.13 -23.80 -20.21
N GLU C 50 3.42 -24.50 -19.33
CA GLU C 50 3.34 -25.95 -19.46
C GLU C 50 1.93 -26.33 -19.91
N THR C 51 1.74 -27.60 -20.27
CA THR C 51 0.46 -28.02 -20.82
C THR C 51 -0.13 -29.15 -19.97
N ALA C 52 -1.44 -29.36 -20.08
CA ALA C 52 -2.11 -30.48 -19.44
C ALA C 52 -3.49 -30.64 -20.04
N PHE C 53 -4.18 -31.72 -19.65
CA PHE C 53 -5.54 -31.98 -20.08
C PHE C 53 -6.46 -31.79 -18.89
N LEU C 54 -7.43 -30.91 -19.02
CA LEU C 54 -8.36 -30.69 -17.93
C LEU C 54 -9.79 -30.85 -18.43
N GLY C 55 -10.67 -31.31 -17.54
CA GLY C 55 -12.10 -31.36 -17.76
C GLY C 55 -12.74 -29.99 -17.52
N PRO C 56 -13.94 -29.74 -18.10
CA PRO C 56 -14.48 -28.38 -18.15
C PRO C 56 -14.88 -27.89 -16.76
N LYS C 57 -15.11 -28.84 -15.85
CA LYS C 57 -15.30 -28.60 -14.43
C LYS C 57 -14.17 -27.75 -13.86
N ASP C 58 -12.96 -27.96 -14.37
CA ASP C 58 -11.77 -27.39 -13.77
C ASP C 58 -11.43 -26.05 -14.38
N LEU C 59 -12.33 -25.54 -15.23
CA LEU C 59 -12.04 -24.36 -16.04
C LEU C 59 -13.06 -23.26 -15.78
N PHE C 60 -12.62 -22.01 -15.89
CA PHE C 60 -13.37 -20.81 -15.50
C PHE C 60 -13.05 -19.69 -16.49
N PRO C 61 -14.06 -19.14 -17.22
CA PRO C 61 -13.83 -18.03 -18.14
C PRO C 61 -13.12 -16.89 -17.39
N TYR C 62 -12.06 -16.37 -18.04
CA TYR C 62 -11.14 -15.40 -17.49
C TYR C 62 -11.89 -14.14 -17.02
N ASP C 63 -12.75 -13.61 -17.90
CA ASP C 63 -13.40 -12.33 -17.65
C ASP C 63 -14.47 -12.47 -16.56
N LYS C 64 -15.08 -13.66 -16.48
CA LYS C 64 -16.11 -13.91 -15.48
C LYS C 64 -15.50 -14.07 -14.08
N SER C 65 -14.28 -14.63 -13.99
CA SER C 65 -13.79 -15.09 -12.70
C SER C 65 -12.53 -14.35 -12.23
N LYS C 66 -11.99 -13.43 -13.04
CA LYS C 66 -10.72 -12.79 -12.71
C LYS C 66 -10.81 -12.02 -11.38
N ASP C 67 -11.92 -11.34 -11.10
CA ASP C 67 -12.11 -10.64 -9.84
C ASP C 67 -11.84 -11.59 -8.66
N LYS C 68 -12.12 -12.89 -8.85
CA LYS C 68 -11.94 -13.88 -7.79
C LYS C 68 -10.54 -14.52 -7.81
N TYR C 69 -10.05 -14.97 -8.97
CA TYR C 69 -8.81 -15.74 -9.02
C TYR C 69 -7.64 -14.88 -9.47
N GLY C 70 -7.93 -13.70 -10.06
CA GLY C 70 -6.86 -12.87 -10.62
C GLY C 70 -6.31 -11.96 -9.53
N LYS C 71 -5.47 -12.54 -8.68
CA LYS C 71 -4.88 -11.85 -7.55
C LYS C 71 -3.54 -12.54 -7.32
N PRO C 72 -2.46 -11.82 -6.98
CA PRO C 72 -1.14 -12.45 -6.91
C PRO C 72 -1.06 -13.63 -5.93
N ASN C 73 -0.10 -14.49 -6.19
CA ASN C 73 0.38 -15.34 -5.12
C ASN C 73 1.80 -15.78 -5.46
N LYS C 74 2.39 -16.51 -4.51
CA LYS C 74 3.84 -16.66 -4.47
C LYS C 74 4.26 -17.93 -5.21
N ARG C 75 3.31 -18.66 -5.79
CA ARG C 75 3.68 -19.90 -6.47
C ARG C 75 4.50 -19.57 -7.71
N LYS C 76 5.51 -20.41 -7.96
CA LYS C 76 6.45 -20.24 -9.06
C LYS C 76 5.68 -20.00 -10.36
N GLY C 77 5.96 -18.85 -10.98
CA GLY C 77 5.49 -18.60 -12.32
C GLY C 77 4.13 -17.89 -12.31
N PHE C 78 3.45 -17.81 -11.15
CA PHE C 78 2.06 -17.39 -11.12
C PHE C 78 1.92 -15.92 -11.55
N ASN C 79 2.72 -15.04 -10.95
CA ASN C 79 2.53 -13.62 -11.15
C ASN C 79 2.92 -13.23 -12.57
N GLU C 80 3.96 -13.90 -13.07
CA GLU C 80 4.31 -13.69 -14.47
C GLU C 80 3.15 -14.10 -15.35
N GLY C 81 2.46 -15.21 -14.97
CA GLY C 81 1.30 -15.70 -15.70
C GLY C 81 0.13 -14.72 -15.68
N LEU C 82 -0.07 -14.05 -14.53
CA LEU C 82 -1.10 -13.01 -14.47
C LEU C 82 -0.77 -11.88 -15.44
N TRP C 83 0.52 -11.55 -15.57
CA TRP C 83 0.91 -10.50 -16.50
C TRP C 83 0.63 -10.90 -17.96
N GLU C 84 0.87 -12.17 -18.29
CA GLU C 84 0.70 -12.68 -19.65
C GLU C 84 -0.76 -12.67 -20.05
N ILE C 85 -1.64 -13.11 -19.14
CA ILE C 85 -3.04 -13.31 -19.50
C ILE C 85 -3.76 -11.97 -19.70
N GLN C 86 -3.22 -10.89 -19.09
CA GLN C 86 -3.78 -9.54 -19.18
C GLN C 86 -3.19 -8.78 -20.37
N ASN C 87 -1.89 -9.00 -20.63
CA ASN C 87 -1.04 -8.13 -21.44
C ASN C 87 -0.55 -8.78 -22.73
N ASN C 88 -0.47 -10.12 -22.79
CA ASN C 88 0.10 -10.77 -23.97
C ASN C 88 -0.49 -12.17 -24.09
N PRO C 89 -1.83 -12.32 -24.15
CA PRO C 89 -2.44 -13.63 -23.99
C PRO C 89 -2.34 -14.60 -25.17
N HIS C 90 -1.80 -14.12 -26.30
CA HIS C 90 -1.72 -14.95 -27.49
C HIS C 90 -0.32 -14.96 -28.11
N ALA C 91 0.71 -14.65 -27.30
CA ALA C 91 2.10 -14.85 -27.72
C ALA C 91 2.45 -16.34 -27.69
N SER C 92 3.65 -16.68 -28.20
CA SER C 92 4.04 -18.05 -28.53
C SER C 92 4.55 -18.82 -27.32
N TYR C 93 5.63 -18.29 -26.72
CA TYR C 93 6.32 -18.89 -25.58
C TYR C 93 6.87 -20.28 -25.97
#